data_1MFQ
#
_entry.id   1MFQ
#
_cell.length_a   131.180
_cell.length_b   131.180
_cell.length_c   204.051
_cell.angle_alpha   90.00
_cell.angle_beta   90.00
_cell.angle_gamma   120.00
#
_symmetry.space_group_name_H-M   'P 65 2 2'
#
loop_
_entity.id
_entity.type
_entity.pdbx_description
1 polymer '7S RNA of human SRP'
2 polymer 'signal recognition particle 19kDa protein'
3 polymer 'signal recognition particle 54kDa protein'
4 non-polymer 'MAGNESIUM ION'
5 non-polymer 'CHLORIDE ION'
6 water water
#
loop_
_entity_poly.entity_id
_entity_poly.type
_entity_poly.pdbx_seq_one_letter_code
_entity_poly.pdbx_strand_id
1 'polyribonucleotide'
;GACACUAAGUUCGGCAUCAAUAUGGUGACCUCCCGGGAGCGGGGGACCACCAGGUUGCCUAAGGAGGGGUGAACCGGCCC
AGGUCGGAAACGGAGCAGGUCAAAACUCCCGUGCUGAUCAGUAGUGU(CCC)
;
A
2 'polypeptide(L)'
;MRFICIYPAYLNNKKTIAEGRRIPISKAVENPTATEIQDVCSAVGLNVFLEKNKMYSREWNRDVQYRGRVRVQLKQEDGS
LCLVQFPSRKSVMLYAAEMIPKLKTRTQ
;
B
3 'polypeptide(L)'
;MRGSHHHHHHKHGQFTLRDMYEQFQNIMKMGPFSQILGMIPGFGTDFMSKGNEQESMARLKKLMTIMDSMNDQELDSTDG
AKVFSKQPGRIQRVARGSGVSTRDVQELLTQYTKFAQMVKKMGGIKGLF
;
C
#
loop_
_chem_comp.id
_chem_comp.type
_chem_comp.name
_chem_comp.formula
A RNA linking ADENOSINE-5'-MONOPHOSPHATE 'C10 H14 N5 O7 P'
C RNA linking CYTIDINE-5'-MONOPHOSPHATE 'C9 H14 N3 O8 P'
CCC RNA linking 'CYTIDINE-5'-PHOSPHATE-2',3'-CYCLIC PHOSPHATE' 'C9 H13 N3 O10 P2'
CL non-polymer 'CHLORIDE ION' 'Cl -1'
G RNA linking GUANOSINE-5'-MONOPHOSPHATE 'C10 H14 N5 O8 P'
MG non-polymer 'MAGNESIUM ION' 'Mg 2'
U RNA linking URIDINE-5'-MONOPHOSPHATE 'C9 H13 N2 O9 P'
#
# COMPACT_ATOMS: atom_id res chain seq x y z
PC CCC A 128 10.44 -22.30 97.67
O1C CCC A 128 9.85 -23.49 98.31
O2C CCC A 128 10.58 -20.83 97.72
P CCC A 128 15.99 -23.74 94.18
OP1 CCC A 128 16.80 -22.78 94.97
OP2 CCC A 128 16.31 -25.19 94.21
O5' CCC A 128 14.45 -23.56 94.58
C5' CCC A 128 13.96 -22.32 95.09
C4' CCC A 128 12.47 -22.36 95.25
O4' CCC A 128 11.84 -22.75 94.01
C3' CCC A 128 11.89 -23.34 96.27
O3' CCC A 128 11.98 -22.83 97.61
C2' CCC A 128 10.45 -23.43 95.80
O2' CCC A 128 9.67 -22.32 96.23
C1' CCC A 128 10.62 -23.42 94.28
N1 CCC A 128 10.69 -24.76 93.65
C2 CCC A 128 9.49 -25.37 93.16
O2 CCC A 128 8.40 -24.80 93.31
N3 CCC A 128 9.58 -26.58 92.54
C4 CCC A 128 10.78 -27.18 92.39
N4 CCC A 128 10.81 -28.36 91.76
C5 CCC A 128 11.99 -26.59 92.89
C6 CCC A 128 11.90 -25.40 93.51
N ARG B 2 15.99 -8.82 -19.04
CA ARG B 2 17.30 -9.30 -18.49
C ARG B 2 18.06 -8.23 -17.72
N PHE B 3 17.65 -6.97 -17.79
CA PHE B 3 18.33 -5.94 -17.00
C PHE B 3 18.28 -6.40 -15.53
N ILE B 4 18.94 -5.68 -14.65
CA ILE B 4 18.90 -6.09 -13.25
C ILE B 4 17.98 -5.15 -12.47
N CYS B 5 17.70 -5.55 -11.22
CA CYS B 5 16.81 -4.78 -10.36
C CYS B 5 17.52 -4.06 -9.23
N ILE B 6 17.17 -2.79 -9.06
CA ILE B 6 17.73 -1.97 -8.02
C ILE B 6 16.57 -1.26 -7.32
N TYR B 7 16.22 -1.72 -6.12
CA TYR B 7 15.16 -1.10 -5.32
C TYR B 7 15.78 -0.09 -4.32
N PRO B 8 15.13 1.06 -4.11
CA PRO B 8 15.73 1.99 -3.14
C PRO B 8 16.02 1.35 -1.78
N ALA B 9 15.24 0.36 -1.39
CA ALA B 9 15.50 -0.26 -0.10
C ALA B 9 16.95 -0.72 -0.06
N TYR B 10 17.47 -1.18 -1.17
CA TYR B 10 18.85 -1.65 -1.28
C TYR B 10 19.88 -0.63 -0.77
N LEU B 11 19.62 0.64 -1.08
CA LEU B 11 20.52 1.73 -0.76
C LEU B 11 20.03 2.62 0.38
N ASN B 12 19.21 2.07 1.25
CA ASN B 12 18.70 2.93 2.31
C ASN B 12 19.37 2.69 3.63
N ASN B 13 20.09 3.71 4.12
CA ASN B 13 20.78 3.56 5.40
C ASN B 13 19.83 3.53 6.58
N LYS B 14 18.56 3.84 6.35
CA LYS B 14 17.58 3.83 7.42
C LYS B 14 16.90 2.47 7.54
N LYS B 15 17.32 1.52 6.71
CA LYS B 15 16.71 0.20 6.74
C LYS B 15 17.67 -0.85 7.30
N THR B 16 17.13 -1.84 8.02
CA THR B 16 18.02 -2.88 8.53
C THR B 16 18.29 -3.85 7.40
N ILE B 17 18.97 -4.96 7.72
CA ILE B 17 19.27 -5.97 6.71
C ILE B 17 17.96 -6.54 6.22
N ALA B 18 17.25 -7.18 7.14
CA ALA B 18 15.97 -7.79 6.83
C ALA B 18 14.98 -6.85 6.18
N GLU B 19 15.19 -5.54 6.32
CA GLU B 19 14.29 -4.61 5.72
C GLU B 19 14.63 -4.34 4.27
N GLY B 20 15.75 -4.94 3.82
CA GLY B 20 16.13 -4.84 2.41
C GLY B 20 17.44 -4.14 2.08
N ARG B 21 18.26 -3.75 3.07
CA ARG B 21 19.53 -3.07 2.79
C ARG B 21 20.54 -4.06 2.23
N ARG B 22 21.25 -3.64 1.20
CA ARG B 22 22.21 -4.50 0.55
C ARG B 22 23.67 -4.03 0.66
N ILE B 23 23.86 -2.81 1.13
CA ILE B 23 25.21 -2.29 1.25
C ILE B 23 25.47 -1.81 2.68
N PRO B 24 26.74 -1.79 3.11
CA PRO B 24 27.10 -1.36 4.47
C PRO B 24 26.52 0.03 4.78
N ILE B 25 26.06 0.20 6.01
CA ILE B 25 25.49 1.48 6.39
C ILE B 25 26.46 2.60 6.08
N SER B 26 27.75 2.34 6.26
CA SER B 26 28.77 3.34 6.00
C SER B 26 28.68 3.90 4.59
N LYS B 27 28.21 3.09 3.65
CA LYS B 27 28.09 3.55 2.28
C LYS B 27 26.65 3.85 1.87
N ALA B 28 25.70 3.31 2.63
CA ALA B 28 24.29 3.52 2.35
C ALA B 28 23.94 5.02 2.34
N VAL B 29 22.69 5.34 2.04
CA VAL B 29 22.24 6.71 1.93
C VAL B 29 20.95 6.97 2.65
N GLU B 30 20.74 8.25 3.01
CA GLU B 30 19.55 8.71 3.71
C GLU B 30 18.33 8.06 3.08
N ASN B 31 17.64 8.75 2.17
CA ASN B 31 16.47 8.11 1.58
C ASN B 31 16.54 8.23 0.09
N PRO B 32 17.28 7.32 -0.54
CA PRO B 32 17.43 7.31 -2.00
C PRO B 32 16.11 7.06 -2.66
N THR B 33 15.85 7.76 -3.75
CA THR B 33 14.61 7.59 -4.48
C THR B 33 14.92 6.94 -5.82
N ALA B 34 14.13 5.96 -6.21
CA ALA B 34 14.38 5.31 -7.48
C ALA B 34 14.75 6.34 -8.56
N THR B 35 14.12 7.51 -8.53
CA THR B 35 14.43 8.55 -9.51
C THR B 35 15.92 8.89 -9.46
N GLU B 36 16.38 9.33 -8.29
CA GLU B 36 17.79 9.70 -8.10
C GLU B 36 18.71 8.55 -8.55
N ILE B 37 18.34 7.32 -8.21
CA ILE B 37 19.14 6.19 -8.62
C ILE B 37 19.27 6.16 -10.13
N GLN B 38 18.16 6.32 -10.83
CA GLN B 38 18.21 6.32 -12.28
C GLN B 38 19.00 7.51 -12.79
N ASP B 39 18.76 8.67 -12.21
CA ASP B 39 19.46 9.86 -12.67
C ASP B 39 20.98 9.80 -12.56
N VAL B 40 21.52 9.03 -11.61
CA VAL B 40 22.97 8.95 -11.50
C VAL B 40 23.51 7.84 -12.37
N CYS B 41 22.71 6.80 -12.60
CA CYS B 41 23.14 5.70 -13.42
C CYS B 41 23.14 6.07 -14.89
N SER B 42 22.11 6.77 -15.31
CA SER B 42 22.02 7.16 -16.71
C SER B 42 23.14 8.12 -17.05
N ALA B 43 23.64 8.82 -16.03
CA ALA B 43 24.69 9.80 -16.22
C ALA B 43 26.08 9.25 -15.97
N VAL B 44 26.34 8.06 -16.50
CA VAL B 44 27.64 7.43 -16.33
C VAL B 44 27.84 6.58 -17.56
N GLY B 45 26.78 6.47 -18.35
CA GLY B 45 26.82 5.70 -19.57
C GLY B 45 26.11 4.36 -19.43
N LEU B 46 25.38 4.21 -18.34
CA LEU B 46 24.65 2.97 -18.11
C LEU B 46 23.30 3.00 -18.79
N ASN B 47 22.91 1.86 -19.36
CA ASN B 47 21.61 1.76 -20.01
C ASN B 47 20.62 1.40 -18.93
N VAL B 48 19.65 2.27 -18.70
CA VAL B 48 18.68 2.01 -17.64
C VAL B 48 17.33 2.69 -17.82
N PHE B 49 16.28 2.04 -17.31
CA PHE B 49 14.94 2.60 -17.36
C PHE B 49 14.25 2.47 -16.00
N LEU B 50 13.45 3.48 -15.68
CA LEU B 50 12.73 3.57 -14.41
C LEU B 50 11.34 2.95 -14.36
N GLU B 51 11.14 2.00 -13.47
CA GLU B 51 9.83 1.39 -13.35
C GLU B 51 9.06 2.07 -12.22
N LYS B 52 8.72 3.33 -12.46
CA LYS B 52 8.01 4.25 -11.55
C LYS B 52 7.03 3.63 -10.55
N ASN B 53 6.19 2.69 -10.95
CA ASN B 53 5.15 2.20 -10.00
C ASN B 53 5.42 0.88 -9.34
N LYS B 54 6.44 0.17 -9.75
CA LYS B 54 6.69 -1.09 -9.06
C LYS B 54 6.97 -0.79 -7.56
N MET B 55 6.69 -1.76 -6.67
CA MET B 55 6.92 -1.59 -5.24
C MET B 55 7.67 -2.77 -4.61
N TYR B 56 8.68 -2.47 -3.79
CA TYR B 56 9.49 -3.52 -3.17
C TYR B 56 8.70 -4.29 -2.13
N SER B 57 8.67 -5.61 -2.24
CA SER B 57 7.87 -6.44 -1.35
C SER B 57 8.06 -6.22 0.14
N ARG B 58 9.28 -5.88 0.55
CA ARG B 58 9.56 -5.64 1.96
C ARG B 58 9.40 -4.16 2.27
N GLU B 59 8.46 -3.50 1.68
CA GLU B 59 8.28 -2.08 1.90
C GLU B 59 6.84 -1.83 2.36
N TRP B 60 6.63 -1.81 3.67
CA TRP B 60 5.30 -1.62 4.25
C TRP B 60 4.63 -0.32 3.83
N ASN B 61 5.45 0.73 3.67
CA ASN B 61 4.95 2.05 3.28
C ASN B 61 4.41 2.05 1.83
N ARG B 62 3.54 2.99 1.50
CA ARG B 62 2.96 3.01 0.15
C ARG B 62 3.14 4.36 -0.56
N ASP B 63 3.69 5.33 0.17
CA ASP B 63 3.97 6.68 -0.32
C ASP B 63 4.74 6.62 -1.65
N VAL B 64 5.11 7.78 -2.20
CA VAL B 64 5.85 7.81 -3.47
C VAL B 64 7.36 7.80 -3.22
N GLN B 65 7.87 8.77 -2.47
CA GLN B 65 9.29 8.85 -2.17
C GLN B 65 9.84 7.48 -1.82
N TYR B 66 8.94 6.60 -1.41
CA TYR B 66 9.32 5.25 -0.98
C TYR B 66 9.12 4.16 -2.05
N ARG B 67 8.61 4.48 -3.23
CA ARG B 67 8.41 3.40 -4.23
C ARG B 67 8.96 3.64 -5.63
N GLY B 68 8.95 2.58 -6.42
CA GLY B 68 9.48 2.62 -7.79
C GLY B 68 10.63 1.62 -7.88
N ARG B 69 11.09 1.33 -9.08
CA ARG B 69 12.18 0.38 -9.28
C ARG B 69 13.06 0.85 -10.44
N VAL B 70 14.33 0.48 -10.44
CA VAL B 70 15.21 0.92 -11.52
C VAL B 70 15.91 -0.26 -12.15
N ARG B 71 15.93 -0.27 -13.49
CA ARG B 71 16.52 -1.36 -14.26
C ARG B 71 17.72 -0.99 -15.12
N VAL B 72 18.86 -1.64 -14.86
CA VAL B 72 20.06 -1.35 -15.63
C VAL B 72 20.65 -2.56 -16.34
N GLN B 73 21.10 -2.32 -17.56
CA GLN B 73 21.71 -3.32 -18.41
C GLN B 73 23.20 -3.45 -18.07
N LEU B 74 23.61 -4.64 -17.65
CA LEU B 74 25.00 -4.86 -17.35
C LEU B 74 25.70 -5.40 -18.59
N LYS B 75 25.44 -6.67 -18.88
CA LYS B 75 26.04 -7.29 -20.04
C LYS B 75 25.28 -6.93 -21.31
N GLN B 76 25.86 -7.30 -22.44
CA GLN B 76 25.23 -7.08 -23.71
C GLN B 76 24.88 -8.44 -24.28
N GLU B 77 23.83 -8.52 -25.09
CA GLU B 77 23.38 -9.79 -25.63
C GLU B 77 24.51 -10.77 -25.95
N ASP B 78 25.65 -10.25 -26.42
CA ASP B 78 26.75 -11.12 -26.73
C ASP B 78 27.42 -11.64 -25.46
N GLY B 79 27.52 -10.78 -24.45
CA GLY B 79 28.12 -11.19 -23.18
C GLY B 79 29.01 -10.16 -22.50
N SER B 80 29.63 -9.31 -23.31
CA SER B 80 30.53 -8.27 -22.82
C SER B 80 29.81 -7.32 -21.88
N LEU B 81 30.48 -6.93 -20.80
CA LEU B 81 29.88 -6.00 -19.86
C LEU B 81 29.72 -4.68 -20.60
N CYS B 82 28.68 -3.93 -20.27
CA CYS B 82 28.48 -2.65 -20.92
C CYS B 82 29.54 -1.65 -20.49
N LEU B 83 29.92 -1.69 -19.22
CA LEU B 83 30.95 -0.80 -18.69
C LEU B 83 31.85 -1.58 -17.74
N VAL B 84 33.07 -1.84 -18.20
CA VAL B 84 34.10 -2.59 -17.46
C VAL B 84 34.10 -2.35 -15.95
N GLN B 85 33.85 -1.11 -15.56
CA GLN B 85 33.85 -0.72 -14.15
C GLN B 85 32.61 -1.18 -13.38
N PHE B 86 31.72 -1.89 -14.08
CA PHE B 86 30.49 -2.35 -13.48
C PHE B 86 30.22 -3.81 -13.73
N PRO B 87 30.92 -4.68 -13.01
CA PRO B 87 30.75 -6.13 -13.15
C PRO B 87 29.40 -6.52 -12.60
N SER B 88 29.38 -6.65 -11.28
CA SER B 88 28.24 -7.04 -10.47
C SER B 88 27.12 -6.01 -10.34
N ARG B 89 26.14 -6.35 -9.49
CA ARG B 89 25.08 -5.42 -9.17
C ARG B 89 25.59 -4.57 -8.02
N LYS B 90 26.23 -5.24 -7.08
CA LYS B 90 26.83 -4.56 -5.93
C LYS B 90 27.58 -3.33 -6.43
N SER B 91 28.30 -3.51 -7.53
CA SER B 91 29.06 -2.44 -8.14
C SER B 91 28.19 -1.22 -8.41
N VAL B 92 27.02 -1.43 -8.98
CA VAL B 92 26.14 -0.32 -9.28
C VAL B 92 25.54 0.26 -8.01
N MET B 93 25.05 -0.63 -7.15
CA MET B 93 24.43 -0.15 -5.92
C MET B 93 25.39 0.85 -5.30
N LEU B 94 26.61 0.38 -4.98
CA LEU B 94 27.63 1.23 -4.37
C LEU B 94 27.90 2.53 -5.13
N TYR B 95 28.09 2.41 -6.45
CA TYR B 95 28.35 3.59 -7.23
C TYR B 95 27.23 4.59 -7.03
N ALA B 96 26.00 4.09 -6.88
CA ALA B 96 24.85 4.96 -6.70
C ALA B 96 24.83 5.56 -5.32
N ALA B 97 25.05 4.71 -4.33
CA ALA B 97 25.06 5.15 -2.96
C ALA B 97 26.04 6.31 -2.79
N GLU B 98 27.11 6.30 -3.57
CA GLU B 98 28.12 7.34 -3.45
C GLU B 98 27.80 8.63 -4.19
N MET B 99 27.15 8.53 -5.33
CA MET B 99 26.87 9.71 -6.14
C MET B 99 25.62 10.49 -5.83
N ILE B 100 24.65 9.87 -5.16
CA ILE B 100 23.42 10.58 -4.86
C ILE B 100 23.61 11.75 -3.88
N PRO B 101 24.38 11.56 -2.81
CA PRO B 101 24.57 12.66 -1.87
C PRO B 101 25.30 13.84 -2.53
N LYS B 102 25.44 13.79 -3.85
CA LYS B 102 26.11 14.87 -4.57
C LYS B 102 25.15 15.55 -5.50
N LEU B 103 24.08 14.85 -5.86
CA LEU B 103 23.06 15.45 -6.72
C LEU B 103 22.68 16.82 -6.19
N LYS B 104 22.76 17.82 -7.05
CA LYS B 104 22.42 19.19 -6.67
C LYS B 104 21.15 19.21 -5.84
N THR B 105 20.14 18.47 -6.30
CA THR B 105 18.87 18.40 -5.62
C THR B 105 18.98 18.00 -4.15
N ARG B 106 20.16 17.51 -3.73
CA ARG B 106 20.36 17.10 -2.35
C ARG B 106 21.29 18.02 -1.58
N THR B 107 22.21 18.66 -2.30
CA THR B 107 23.15 19.57 -1.68
C THR B 107 22.44 20.90 -1.42
N GLN B 108 21.38 21.13 -2.21
CA GLN B 108 20.53 22.32 -2.14
C GLN B 108 20.59 23.08 -0.82
N LYS C 11 -26.04 -22.46 14.13
CA LYS C 11 -26.16 -23.54 13.11
C LYS C 11 -25.12 -24.63 13.36
N HIS C 12 -25.44 -25.86 12.95
CA HIS C 12 -24.53 -27.00 13.17
C HIS C 12 -24.32 -27.88 11.94
N GLY C 13 -23.65 -27.34 10.92
CA GLY C 13 -23.41 -28.12 9.72
C GLY C 13 -24.65 -28.84 9.23
N GLN C 14 -25.82 -28.41 9.72
CA GLN C 14 -27.09 -29.01 9.34
C GLN C 14 -28.04 -27.92 8.87
N PHE C 15 -29.35 -28.08 9.05
CA PHE C 15 -30.28 -27.07 8.54
C PHE C 15 -31.67 -27.13 9.15
N THR C 16 -32.00 -26.15 10.00
CA THR C 16 -33.32 -26.10 10.64
C THR C 16 -34.23 -25.07 9.97
N LEU C 17 -35.53 -25.16 10.26
CA LEU C 17 -36.50 -24.23 9.71
C LEU C 17 -36.19 -22.80 10.12
N ARG C 18 -35.62 -22.62 11.31
CA ARG C 18 -35.23 -21.28 11.74
C ARG C 18 -34.17 -20.75 10.78
N ASP C 19 -33.27 -21.64 10.36
CA ASP C 19 -32.21 -21.28 9.43
C ASP C 19 -32.84 -20.75 8.16
N MET C 20 -33.68 -21.59 7.54
CA MET C 20 -34.37 -21.21 6.31
C MET C 20 -35.04 -19.86 6.55
N TYR C 21 -35.64 -19.71 7.71
CA TYR C 21 -36.31 -18.48 8.04
C TYR C 21 -35.33 -17.32 7.99
N GLU C 22 -34.30 -17.37 8.84
CA GLU C 22 -33.27 -16.32 8.92
C GLU C 22 -32.70 -15.94 7.54
N GLN C 23 -32.52 -16.92 6.68
CA GLN C 23 -32.01 -16.66 5.35
C GLN C 23 -33.01 -15.83 4.56
N PHE C 24 -34.27 -16.29 4.52
CA PHE C 24 -35.30 -15.54 3.82
C PHE C 24 -35.31 -14.14 4.42
N GLN C 25 -35.15 -14.06 5.74
CA GLN C 25 -35.15 -12.78 6.44
C GLN C 25 -34.01 -11.90 5.96
N ASN C 26 -32.83 -12.48 5.74
CA ASN C 26 -31.70 -11.67 5.28
C ASN C 26 -32.08 -11.07 3.95
N ILE C 27 -32.58 -11.90 3.03
CA ILE C 27 -32.96 -11.40 1.74
C ILE C 27 -34.03 -10.31 1.85
N MET C 28 -34.57 -10.11 3.06
CA MET C 28 -35.60 -9.09 3.27
C MET C 28 -35.01 -7.71 3.49
N LYS C 29 -34.19 -7.63 4.53
CA LYS C 29 -33.51 -6.39 4.85
C LYS C 29 -32.54 -6.07 3.74
N MET C 30 -33.00 -6.24 2.54
CA MET C 30 -32.19 -5.93 1.40
C MET C 30 -32.59 -4.56 0.86
N GLY C 31 -33.53 -4.61 -0.08
CA GLY C 31 -34.06 -3.45 -0.74
C GLY C 31 -34.05 -2.30 0.22
N PRO C 32 -34.50 -2.54 1.47
CA PRO C 32 -34.53 -1.48 2.47
C PRO C 32 -33.12 -0.94 2.64
N PHE C 33 -32.31 -1.69 3.38
CA PHE C 33 -30.93 -1.33 3.62
C PHE C 33 -30.30 -0.81 2.35
N SER C 34 -30.69 -1.38 1.22
CA SER C 34 -30.16 -0.97 -0.08
C SER C 34 -30.61 0.44 -0.42
N GLN C 35 -31.89 0.72 -0.24
CA GLN C 35 -32.43 2.04 -0.53
C GLN C 35 -32.01 3.03 0.55
N ILE C 36 -31.40 2.51 1.61
CA ILE C 36 -30.96 3.38 2.68
C ILE C 36 -29.57 3.86 2.33
N LEU C 37 -28.95 3.23 1.36
CA LEU C 37 -27.66 3.65 0.88
C LEU C 37 -27.93 4.76 -0.14
N GLY C 38 -29.18 5.12 -0.25
CA GLY C 38 -29.67 6.11 -1.17
C GLY C 38 -28.90 7.40 -1.19
N MET C 39 -29.06 8.21 -0.13
CA MET C 39 -28.36 9.49 -0.07
C MET C 39 -27.03 9.37 0.67
N ILE C 40 -26.08 8.67 0.07
CA ILE C 40 -24.75 8.49 0.65
C ILE C 40 -23.71 8.30 -0.47
N PRO C 41 -23.12 9.41 -0.96
CA PRO C 41 -22.13 9.34 -2.04
C PRO C 41 -21.00 8.35 -1.73
N GLY C 42 -21.20 7.10 -2.15
CA GLY C 42 -20.24 6.04 -1.91
C GLY C 42 -21.00 4.74 -1.93
N PHE C 43 -21.75 4.54 -3.01
CA PHE C 43 -22.56 3.36 -3.21
C PHE C 43 -22.23 2.66 -4.52
N ASN C 52 -24.13 -0.77 -12.48
CA ASN C 52 -22.95 -0.74 -11.64
C ASN C 52 -23.08 -1.66 -10.44
N GLU C 53 -23.76 -2.79 -10.64
CA GLU C 53 -23.96 -3.76 -9.57
C GLU C 53 -22.62 -4.41 -9.21
N GLN C 54 -21.93 -4.93 -10.22
CA GLN C 54 -20.64 -5.57 -10.01
C GLN C 54 -19.60 -4.54 -9.58
N GLU C 55 -19.59 -3.38 -10.25
CA GLU C 55 -18.66 -2.32 -9.95
C GLU C 55 -18.89 -1.72 -8.55
N SER C 56 -19.89 -2.25 -7.85
CA SER C 56 -20.21 -1.78 -6.50
C SER C 56 -19.69 -2.85 -5.53
N MET C 57 -19.98 -4.10 -5.85
CA MET C 57 -19.56 -5.23 -5.02
C MET C 57 -18.11 -5.07 -4.58
N ALA C 58 -17.24 -4.71 -5.52
CA ALA C 58 -15.83 -4.52 -5.20
C ALA C 58 -15.75 -3.47 -4.10
N ARG C 59 -16.31 -2.30 -4.37
CA ARG C 59 -16.32 -1.21 -3.41
C ARG C 59 -16.80 -1.70 -2.04
N LEU C 60 -17.69 -2.67 -2.05
CA LEU C 60 -18.23 -3.23 -0.82
C LEU C 60 -17.31 -4.30 -0.24
N LYS C 61 -16.63 -5.04 -1.11
CA LYS C 61 -15.72 -6.08 -0.63
C LYS C 61 -14.45 -5.39 -0.11
N LYS C 62 -14.06 -4.30 -0.77
CA LYS C 62 -12.89 -3.58 -0.33
C LYS C 62 -13.17 -3.14 1.09
N LEU C 63 -14.18 -2.28 1.25
CA LEU C 63 -14.56 -1.78 2.56
C LEU C 63 -14.55 -2.87 3.62
N MET C 64 -14.90 -4.07 3.22
CA MET C 64 -14.93 -5.14 4.18
C MET C 64 -13.54 -5.62 4.51
N THR C 65 -12.71 -5.81 3.49
CA THR C 65 -11.35 -6.28 3.73
C THR C 65 -10.63 -5.31 4.64
N ILE C 66 -10.83 -4.02 4.43
CA ILE C 66 -10.22 -3.04 5.30
C ILE C 66 -10.61 -3.38 6.76
N MET C 67 -11.90 -3.61 7.01
CA MET C 67 -12.32 -3.97 8.37
C MET C 67 -11.76 -5.34 8.75
N ASP C 68 -11.40 -6.17 7.77
CA ASP C 68 -10.89 -7.47 8.14
C ASP C 68 -9.61 -7.27 8.90
N SER C 69 -9.13 -6.03 8.89
CA SER C 69 -7.89 -5.71 9.57
C SER C 69 -8.07 -5.00 10.90
N MET C 70 -9.29 -4.59 11.24
CA MET C 70 -9.56 -3.92 12.52
C MET C 70 -9.73 -5.00 13.60
N ASN C 71 -9.62 -4.61 14.87
CA ASN C 71 -9.77 -5.55 15.98
C ASN C 71 -11.15 -5.41 16.63
N ASP C 72 -11.51 -6.36 17.50
CA ASP C 72 -12.81 -6.34 18.16
C ASP C 72 -13.09 -4.99 18.78
N GLN C 73 -12.26 -4.58 19.72
CA GLN C 73 -12.48 -3.30 20.38
C GLN C 73 -12.72 -2.17 19.41
N GLU C 74 -12.05 -2.18 18.27
CA GLU C 74 -12.25 -1.11 17.29
C GLU C 74 -13.58 -1.34 16.60
N LEU C 75 -13.83 -2.56 16.19
CA LEU C 75 -15.08 -2.87 15.54
C LEU C 75 -16.26 -2.48 16.39
N ASP C 76 -16.37 -3.10 17.56
CA ASP C 76 -17.47 -2.86 18.48
C ASP C 76 -17.34 -1.57 19.27
N SER C 77 -17.17 -0.44 18.59
CA SER C 77 -17.05 0.80 19.31
C SER C 77 -18.14 1.73 18.84
N THR C 78 -18.87 2.26 19.82
CA THR C 78 -19.95 3.20 19.60
C THR C 78 -19.44 4.36 18.73
N ASP C 79 -18.17 4.72 18.90
CA ASP C 79 -17.62 5.79 18.12
C ASP C 79 -16.30 5.40 17.52
N GLY C 80 -16.35 4.49 16.55
CA GLY C 80 -15.14 4.04 15.90
C GLY C 80 -14.36 5.21 15.30
N ALA C 81 -15.07 6.08 14.60
CA ALA C 81 -14.45 7.24 13.98
C ALA C 81 -13.45 7.87 14.90
N LYS C 82 -13.83 8.10 16.18
CA LYS C 82 -12.92 8.74 17.14
C LYS C 82 -11.77 7.85 17.52
N VAL C 83 -12.08 6.66 17.95
CA VAL C 83 -10.98 5.79 18.20
C VAL C 83 -9.89 6.10 17.24
N PHE C 84 -10.18 5.86 15.95
CA PHE C 84 -9.18 6.08 14.89
C PHE C 84 -8.76 7.54 14.85
N SER C 85 -9.66 8.48 15.10
CA SER C 85 -9.32 9.91 15.07
C SER C 85 -8.17 10.18 16.02
N LYS C 86 -8.46 9.90 17.28
CA LYS C 86 -7.55 10.10 18.40
C LYS C 86 -6.24 9.32 18.34
N GLN C 87 -6.28 8.09 17.85
CA GLN C 87 -5.07 7.27 17.75
C GLN C 87 -4.82 6.87 16.28
N PRO C 88 -4.27 7.80 15.49
CA PRO C 88 -3.96 7.64 14.06
C PRO C 88 -3.14 6.40 13.75
N GLY C 89 -2.28 6.04 14.69
CA GLY C 89 -1.47 4.87 14.48
C GLY C 89 -2.36 3.71 14.08
N ARG C 90 -3.57 3.70 14.62
CA ARG C 90 -4.51 2.63 14.29
C ARG C 90 -4.85 2.65 12.79
N ILE C 91 -4.98 3.85 12.21
CA ILE C 91 -5.28 3.95 10.80
C ILE C 91 -4.12 3.37 9.99
N GLN C 92 -2.92 3.76 10.37
CA GLN C 92 -1.74 3.24 9.69
C GLN C 92 -1.71 1.73 9.86
N ARG C 93 -1.94 1.24 11.07
CA ARG C 93 -1.89 -0.19 11.27
C ARG C 93 -2.86 -0.87 10.35
N VAL C 94 -4.05 -0.31 10.23
CA VAL C 94 -5.09 -0.91 9.40
C VAL C 94 -4.76 -0.84 7.90
N ALA C 95 -4.37 0.35 7.45
CA ALA C 95 -4.02 0.53 6.05
C ALA C 95 -3.04 -0.57 5.66
N ARG C 96 -1.86 -0.50 6.26
CA ARG C 96 -0.83 -1.46 5.99
C ARG C 96 -1.30 -2.90 6.14
N GLY C 97 -2.14 -3.17 7.13
CA GLY C 97 -2.62 -4.53 7.34
C GLY C 97 -3.58 -5.06 6.31
N SER C 98 -4.13 -4.17 5.50
CA SER C 98 -5.08 -4.56 4.46
C SER C 98 -4.58 -4.08 3.09
N GLY C 99 -3.27 -3.96 2.96
CA GLY C 99 -2.65 -3.52 1.73
C GLY C 99 -3.37 -2.42 0.99
N VAL C 100 -4.10 -1.60 1.70
CA VAL C 100 -4.83 -0.53 1.07
C VAL C 100 -4.13 0.76 1.43
N SER C 101 -4.55 1.87 0.84
CA SER C 101 -3.93 3.16 1.13
C SER C 101 -4.50 3.73 2.41
N THR C 102 -3.86 4.77 2.92
CA THR C 102 -4.30 5.43 4.14
C THR C 102 -5.58 6.20 3.88
N ARG C 103 -5.63 6.93 2.77
CA ARG C 103 -6.82 7.70 2.44
C ARG C 103 -8.00 6.75 2.40
N ASP C 104 -7.82 5.62 1.71
CA ASP C 104 -8.89 4.65 1.61
C ASP C 104 -9.51 4.42 2.97
N VAL C 105 -8.68 4.13 3.96
CA VAL C 105 -9.17 3.88 5.30
C VAL C 105 -9.92 5.08 5.87
N GLN C 106 -9.36 6.27 5.72
CA GLN C 106 -10.06 7.43 6.26
C GLN C 106 -11.40 7.60 5.55
N GLU C 107 -11.44 7.23 4.28
CA GLU C 107 -12.66 7.33 3.50
C GLU C 107 -13.68 6.39 4.11
N LEU C 108 -13.28 5.13 4.28
CA LEU C 108 -14.16 4.13 4.87
C LEU C 108 -14.67 4.67 6.20
N LEU C 109 -13.80 5.35 6.91
CA LEU C 109 -14.18 5.90 8.20
C LEU C 109 -15.26 6.97 8.12
N THR C 110 -15.19 7.84 7.11
CA THR C 110 -16.19 8.90 7.00
C THR C 110 -17.55 8.34 6.57
N GLN C 111 -17.56 7.42 5.61
CA GLN C 111 -18.81 6.83 5.17
C GLN C 111 -19.52 6.20 6.37
N TYR C 112 -18.76 5.47 7.17
CA TYR C 112 -19.30 4.86 8.37
C TYR C 112 -19.94 5.94 9.21
N THR C 113 -19.36 7.14 9.22
CA THR C 113 -19.93 8.21 10.01
C THR C 113 -21.27 8.59 9.39
N LYS C 114 -21.22 9.03 8.14
CA LYS C 114 -22.43 9.42 7.42
C LYS C 114 -23.51 8.37 7.62
N PHE C 115 -23.12 7.11 7.47
CA PHE C 115 -24.04 6.01 7.63
C PHE C 115 -24.58 6.02 9.04
N ALA C 116 -23.71 6.25 10.02
CA ALA C 116 -24.17 6.28 11.39
C ALA C 116 -25.24 7.36 11.49
N GLN C 117 -24.83 8.60 11.34
CA GLN C 117 -25.74 9.74 11.41
C GLN C 117 -27.07 9.47 10.71
N MET C 118 -27.00 8.83 9.54
CA MET C 118 -28.22 8.51 8.83
C MET C 118 -29.05 7.61 9.73
N VAL C 119 -28.52 6.43 10.03
CA VAL C 119 -29.20 5.48 10.87
C VAL C 119 -29.85 6.16 12.05
N LYS C 120 -29.17 7.16 12.62
CA LYS C 120 -29.71 7.89 13.77
C LYS C 120 -31.08 8.51 13.48
N LYS C 121 -31.16 9.26 12.40
CA LYS C 121 -32.41 9.90 12.05
C LYS C 121 -33.59 8.89 11.92
N MET C 122 -33.29 7.58 11.77
CA MET C 122 -34.36 6.58 11.58
C MET C 122 -34.49 5.55 12.68
N GLY C 123 -33.79 4.46 12.60
CA GLY C 123 -33.93 3.51 13.69
C GLY C 123 -32.58 2.90 13.95
N GLY C 124 -32.35 1.76 13.31
CA GLY C 124 -31.08 1.07 13.49
C GLY C 124 -31.09 -0.41 13.14
N ILE C 125 -31.99 -1.15 13.78
CA ILE C 125 -32.10 -2.59 13.54
C ILE C 125 -32.99 -2.85 12.33
N LYS C 126 -34.22 -2.32 12.37
CA LYS C 126 -35.21 -2.44 11.30
C LYS C 126 -35.54 -3.87 10.92
MG MG D . -2.67 -14.30 1.56
MG MG E . -0.31 -8.30 19.65
MG MG F . 6.38 -13.96 6.02
MG MG G . -3.97 -11.37 23.13
MG MG H . 14.25 -17.75 76.04
CL CL I . 22.94 -9.99 -0.09
CL CL J . 6.98 4.37 9.82
#